data_1J35
#
_entry.id   1J35
#
_cell.length_a   127.959
_cell.length_b   39.074
_cell.length_c   63.949
_cell.angle_alpha   90.00
_cell.angle_beta   99.56
_cell.angle_gamma   90.00
#
_symmetry.space_group_name_H-M   'C 1 2 1'
#
loop_
_entity.id
_entity.type
_entity.pdbx_description
1 polymer 'coagulation factor IX-binding protein A chain'
2 polymer 'Coagulation factor IX-binding protein B chain'
3 polymer 'Coagulation factor IX'
4 non-polymer 'CALCIUM ION'
5 water water
#
loop_
_entity_poly.entity_id
_entity_poly.type
_entity_poly.pdbx_seq_one_letter_code
_entity_poly.pdbx_strand_id
1 'polypeptide(L)'
;DCPSGWSSYEGHCYKPFKLYKTWDDAERFCTEQAKGGHLVSIESAGEADFVAQLVTENIQNTKSYVWIGLRVQGKEKQCS
SEWSDGSSVSYENWIEAESKTCLGLEKETGFRKWVNIYCGQQNPFVCEA
;
A
2 'polypeptide(L)'
;DCPSDWSSYEGHCYKPFSEPKNWADAENFCTQQHAGGHLVSFQSSEEADFVVKLAFQTFGHSIFWMGLSNVWNQCNWQWS
NAAMLRYKAWAEESYCVYFKSTNNKWRSRACRMMAQFVCEFQA
;
B
3 'polypeptide(L)'
;YNSGKL(CGU)(CGU)FVRGNL(CGU)R(CGU)CK(CGU)(CGU)KCSF(CGU)(CGU)AR(CGU)VF(CGU)NT(CGU)
KTT(CGU)FWKQYV
;
C
#
# COMPACT_ATOMS: atom_id res chain seq x y z
N ASP A 1 38.29 -4.87 0.21
CA ASP A 1 38.11 -3.39 0.14
C ASP A 1 36.90 -2.94 0.96
N CYS A 2 36.27 -3.90 1.65
CA CYS A 2 35.11 -3.59 2.48
C CYS A 2 35.42 -3.90 3.94
N PRO A 3 34.76 -3.20 4.87
CA PRO A 3 35.00 -3.46 6.29
C PRO A 3 34.60 -4.89 6.63
N SER A 4 35.22 -5.46 7.66
CA SER A 4 34.86 -6.83 8.06
C SER A 4 33.36 -6.83 8.37
N GLY A 5 32.66 -7.85 7.88
CA GLY A 5 31.23 -7.92 8.11
C GLY A 5 30.46 -7.53 6.86
N TRP A 6 31.07 -6.70 6.01
CA TRP A 6 30.43 -6.24 4.78
C TRP A 6 30.83 -7.10 3.57
N SER A 7 29.96 -7.13 2.56
CA SER A 7 30.23 -7.92 1.37
C SER A 7 30.35 -7.00 0.15
N SER A 8 31.31 -7.31 -0.70
CA SER A 8 31.56 -6.50 -1.88
C SER A 8 30.85 -6.99 -3.15
N TYR A 9 30.27 -6.06 -3.89
CA TYR A 9 29.62 -6.37 -5.16
C TYR A 9 29.73 -5.16 -6.06
N GLU A 10 30.37 -5.35 -7.21
CA GLU A 10 30.54 -4.31 -8.21
C GLU A 10 30.81 -2.91 -7.67
N GLY A 11 31.96 -2.76 -7.02
CA GLY A 11 32.36 -1.46 -6.50
C GLY A 11 31.74 -0.95 -5.21
N HIS A 12 30.74 -1.64 -4.67
CA HIS A 12 30.10 -1.20 -3.43
C HIS A 12 30.14 -2.28 -2.35
N CYS A 13 29.95 -1.85 -1.10
CA CYS A 13 29.95 -2.77 0.05
C CYS A 13 28.53 -2.89 0.61
N TYR A 14 28.13 -4.10 0.99
CA TYR A 14 26.79 -4.31 1.53
C TYR A 14 26.80 -5.04 2.86
N LYS A 15 25.87 -4.68 3.75
CA LYS A 15 25.79 -5.34 5.03
C LYS A 15 24.34 -5.42 5.52
N PRO A 16 23.87 -6.65 5.80
CA PRO A 16 22.51 -6.91 6.27
C PRO A 16 22.45 -6.81 7.81
N PHE A 17 21.35 -6.28 8.32
CA PHE A 17 21.17 -6.13 9.76
C PHE A 17 19.83 -6.74 10.21
N LYS A 18 19.89 -7.62 11.20
CA LYS A 18 18.69 -8.28 11.71
C LYS A 18 17.96 -7.42 12.74
N LEU A 19 18.26 -6.12 12.74
CA LEU A 19 17.64 -5.19 13.68
C LEU A 19 16.26 -4.75 13.15
N TYR A 20 15.31 -4.56 14.05
CA TYR A 20 13.95 -4.14 13.67
C TYR A 20 13.81 -2.64 13.85
N LYS A 21 13.75 -1.92 12.73
CA LYS A 21 13.64 -0.47 12.76
C LYS A 21 12.66 0.05 11.71
N THR A 22 12.24 1.29 11.89
CA THR A 22 11.34 1.95 10.93
C THR A 22 12.23 2.33 9.76
N TRP A 23 11.64 2.74 8.65
CA TRP A 23 12.43 3.13 7.49
C TRP A 23 13.34 4.30 7.84
N ASP A 24 12.81 5.27 8.56
CA ASP A 24 13.58 6.45 8.96
C ASP A 24 14.79 6.07 9.79
N ASP A 25 14.56 5.31 10.84
CA ASP A 25 15.65 4.89 11.71
C ASP A 25 16.67 3.99 11.00
N ALA A 26 16.18 3.18 10.07
CA ALA A 26 17.06 2.29 9.32
C ALA A 26 17.97 3.10 8.41
N GLU A 27 17.38 4.01 7.64
CA GLU A 27 18.15 4.86 6.74
C GLU A 27 19.20 5.63 7.53
N ARG A 28 18.79 6.20 8.67
CA ARG A 28 19.68 6.98 9.52
C ARG A 28 20.82 6.10 10.07
N PHE A 29 20.47 4.89 10.50
CA PHE A 29 21.45 3.95 11.04
C PHE A 29 22.50 3.64 9.98
N CYS A 30 22.05 3.46 8.75
CA CYS A 30 22.96 3.16 7.65
C CYS A 30 23.92 4.33 7.41
N THR A 31 23.39 5.56 7.45
CA THR A 31 24.25 6.72 7.22
C THR A 31 25.36 6.76 8.27
N GLU A 32 25.18 6.00 9.35
CA GLU A 32 26.17 5.97 10.42
C GLU A 32 27.09 4.75 10.45
N GLN A 33 26.81 3.74 9.63
CA GLN A 33 27.63 2.54 9.59
C GLN A 33 28.85 2.69 8.70
N ALA A 34 28.84 3.71 7.85
CA ALA A 34 29.93 3.97 6.94
C ALA A 34 29.72 5.32 6.27
N LYS A 35 30.80 5.93 5.82
CA LYS A 35 30.70 7.22 5.14
C LYS A 35 29.95 7.02 3.83
N GLY A 36 28.88 7.79 3.65
CA GLY A 36 28.07 7.66 2.45
C GLY A 36 27.12 6.49 2.53
N GLY A 37 26.90 5.97 3.73
CA GLY A 37 26.01 4.84 3.90
C GLY A 37 24.54 5.21 3.71
N HIS A 38 23.76 4.25 3.23
CA HIS A 38 22.34 4.43 3.00
C HIS A 38 21.69 3.06 2.92
N LEU A 39 20.36 3.04 2.90
CA LEU A 39 19.66 1.77 2.73
C LEU A 39 20.03 1.35 1.31
N VAL A 40 20.04 0.06 1.06
CA VAL A 40 20.43 -0.48 -0.25
C VAL A 40 19.62 0.05 -1.42
N SER A 41 20.31 0.38 -2.51
CA SER A 41 19.66 0.85 -3.72
C SER A 41 19.87 -0.26 -4.74
N ILE A 42 18.78 -0.86 -5.21
CA ILE A 42 18.83 -1.97 -6.15
C ILE A 42 18.67 -1.43 -7.56
N GLU A 43 19.81 -1.29 -8.25
CA GLU A 43 19.85 -0.71 -9.59
C GLU A 43 20.00 -1.61 -10.80
N SER A 44 19.98 -2.92 -10.60
CA SER A 44 20.10 -3.86 -11.71
C SER A 44 19.68 -5.22 -11.18
N ALA A 45 19.34 -6.14 -12.08
CA ALA A 45 18.93 -7.49 -11.71
C ALA A 45 20.06 -8.24 -11.01
N GLY A 46 21.30 -7.97 -11.42
CA GLY A 46 22.44 -8.62 -10.80
C GLY A 46 22.60 -8.22 -9.35
N GLU A 47 22.50 -6.92 -9.09
CA GLU A 47 22.60 -6.40 -7.74
C GLU A 47 21.42 -6.95 -6.92
N ALA A 48 20.26 -7.08 -7.57
CA ALA A 48 19.08 -7.60 -6.86
C ALA A 48 19.36 -9.04 -6.42
N ASP A 49 20.00 -9.83 -7.29
CA ASP A 49 20.33 -11.21 -6.98
C ASP A 49 21.37 -11.27 -5.87
N PHE A 50 22.35 -10.36 -5.91
CA PHE A 50 23.38 -10.35 -4.90
C PHE A 50 22.75 -10.04 -3.54
N VAL A 51 21.88 -9.04 -3.49
CA VAL A 51 21.22 -8.64 -2.25
C VAL A 51 20.29 -9.72 -1.71
N ALA A 52 19.54 -10.38 -2.59
CA ALA A 52 18.63 -11.44 -2.19
C ALA A 52 19.42 -12.56 -1.49
N GLN A 53 20.57 -12.91 -2.06
CA GLN A 53 21.41 -13.97 -1.48
C GLN A 53 21.94 -13.52 -0.12
N LEU A 54 22.35 -12.26 -0.03
CA LEU A 54 22.87 -11.70 1.21
C LEU A 54 21.80 -11.78 2.31
N VAL A 55 20.56 -11.41 1.94
CA VAL A 55 19.44 -11.45 2.87
C VAL A 55 19.08 -12.87 3.32
N THR A 56 19.02 -13.81 2.36
CA THR A 56 18.67 -15.20 2.68
C THR A 56 19.67 -15.82 3.66
N GLU A 57 20.93 -15.42 3.57
CA GLU A 57 21.99 -15.93 4.42
C GLU A 57 22.17 -15.21 5.75
N ASN A 58 21.46 -14.11 5.97
CA ASN A 58 21.63 -13.38 7.21
C ASN A 58 20.35 -12.91 7.90
N ILE A 59 19.20 -13.17 7.29
CA ILE A 59 17.93 -12.75 7.87
C ILE A 59 17.03 -13.93 8.26
N GLN A 60 16.70 -14.78 7.28
CA GLN A 60 15.84 -15.95 7.50
C GLN A 60 14.81 -15.73 8.61
N ASN A 61 13.61 -15.30 8.22
CA ASN A 61 12.55 -15.02 9.19
C ASN A 61 11.22 -15.67 8.79
N THR A 62 10.97 -15.73 7.49
CA THR A 62 9.72 -16.30 6.93
C THR A 62 8.60 -15.30 7.18
N LYS A 63 8.96 -14.18 7.79
CA LYS A 63 8.03 -13.10 8.12
C LYS A 63 8.82 -11.79 8.10
N SER A 64 8.12 -10.67 8.21
CA SER A 64 8.77 -9.36 8.20
C SER A 64 9.41 -9.08 6.84
N TYR A 65 9.52 -7.80 6.50
CA TYR A 65 10.13 -7.44 5.22
C TYR A 65 11.54 -6.90 5.44
N VAL A 66 12.25 -6.65 4.35
CA VAL A 66 13.60 -6.13 4.42
C VAL A 66 13.62 -4.81 3.65
N TRP A 67 13.87 -3.72 4.36
CA TRP A 67 13.91 -2.38 3.77
C TRP A 67 14.91 -2.21 2.64
N ILE A 68 14.52 -1.42 1.64
CA ILE A 68 15.41 -1.05 0.56
C ILE A 68 15.27 0.48 0.57
N GLY A 69 16.19 1.19 -0.08
CA GLY A 69 16.15 2.64 -0.03
C GLY A 69 15.20 3.45 -0.89
N LEU A 70 14.28 2.79 -1.60
CA LEU A 70 13.36 3.53 -2.46
C LEU A 70 12.02 3.85 -1.79
N ARG A 71 11.68 5.13 -1.76
CA ARG A 71 10.42 5.59 -1.17
C ARG A 71 10.00 6.94 -1.72
N VAL A 72 8.77 7.33 -1.40
CA VAL A 72 8.22 8.60 -1.83
C VAL A 72 8.82 9.69 -0.95
N GLN A 73 9.51 10.64 -1.58
CA GLN A 73 10.14 11.73 -0.85
C GLN A 73 9.17 12.67 -0.14
N GLY A 74 8.21 13.22 -0.88
CA GLY A 74 7.26 14.13 -0.26
C GLY A 74 6.55 13.54 0.95
N LYS A 75 5.61 14.28 1.51
CA LYS A 75 4.87 13.81 2.66
C LYS A 75 3.39 13.70 2.31
N GLU A 76 3.10 13.63 1.02
CA GLU A 76 1.72 13.53 0.54
C GLU A 76 1.17 12.11 0.66
N LYS A 77 -0.15 11.99 0.77
CA LYS A 77 -0.80 10.69 0.89
C LYS A 77 -1.11 10.12 -0.49
N GLN A 78 -1.36 11.00 -1.46
CA GLN A 78 -1.63 10.59 -2.85
C GLN A 78 -1.06 11.67 -3.76
N CYS A 79 -0.51 11.26 -4.89
CA CYS A 79 0.11 12.18 -5.85
C CYS A 79 -0.62 12.34 -7.17
N SER A 80 -0.91 13.58 -7.55
CA SER A 80 -1.60 13.88 -8.80
C SER A 80 -2.81 12.97 -9.01
N SER A 81 -3.47 12.63 -7.92
CA SER A 81 -4.63 11.76 -7.97
C SER A 81 -5.89 12.58 -7.81
N GLU A 82 -6.77 12.47 -8.80
CA GLU A 82 -8.04 13.17 -8.82
C GLU A 82 -9.16 12.16 -8.77
N TRP A 83 -10.31 12.56 -8.23
CA TRP A 83 -11.45 11.64 -8.19
C TRP A 83 -11.83 11.32 -9.62
N SER A 84 -12.30 10.11 -9.87
CA SER A 84 -12.70 9.70 -11.20
C SER A 84 -13.76 10.63 -11.78
N ASP A 85 -14.56 11.25 -10.90
CA ASP A 85 -15.59 12.18 -11.37
C ASP A 85 -14.97 13.45 -11.96
N GLY A 86 -13.67 13.62 -11.75
CA GLY A 86 -12.97 14.79 -12.28
C GLY A 86 -12.62 15.87 -11.27
N SER A 87 -13.20 15.78 -10.07
CA SER A 87 -12.93 16.79 -9.04
C SER A 87 -11.61 16.58 -8.32
N SER A 88 -11.11 17.66 -7.71
CA SER A 88 -9.87 17.64 -6.97
C SER A 88 -10.07 17.01 -5.59
N VAL A 89 -9.01 16.42 -5.06
CA VAL A 89 -9.07 15.81 -3.74
C VAL A 89 -8.60 16.85 -2.72
N SER A 90 -9.45 17.10 -1.73
CA SER A 90 -9.13 18.07 -0.68
C SER A 90 -9.31 17.31 0.63
N TYR A 91 -10.54 16.91 0.90
CA TYR A 91 -10.84 16.15 2.10
C TYR A 91 -10.27 14.74 1.90
N GLU A 92 -9.67 14.20 2.96
CA GLU A 92 -9.11 12.85 2.91
C GLU A 92 -9.08 12.26 4.31
N ASN A 93 -9.21 10.93 4.41
CA ASN A 93 -9.20 10.28 5.70
C ASN A 93 -8.37 8.98 5.70
N TRP A 94 -7.14 9.09 5.24
CA TRP A 94 -6.26 7.93 5.18
C TRP A 94 -5.83 7.43 6.53
N ILE A 95 -5.72 6.10 6.65
CA ILE A 95 -5.19 5.49 7.85
C ILE A 95 -3.71 5.61 7.50
N GLU A 96 -2.88 6.12 8.40
CA GLU A 96 -1.46 6.26 8.08
C GLU A 96 -0.82 4.96 7.58
N ALA A 97 -1.17 3.84 8.21
CA ALA A 97 -0.60 2.55 7.81
C ALA A 97 -1.10 2.05 6.45
N GLU A 98 -2.15 2.68 5.92
CA GLU A 98 -2.68 2.27 4.62
C GLU A 98 -1.95 2.99 3.49
N SER A 99 -1.16 3.98 3.86
CA SER A 99 -0.37 4.75 2.90
C SER A 99 0.98 4.04 2.84
N LYS A 100 1.09 3.06 1.93
CA LYS A 100 2.31 2.26 1.81
C LYS A 100 3.27 2.85 0.79
N THR A 101 3.97 3.89 1.22
CA THR A 101 4.90 4.59 0.36
C THR A 101 6.36 4.18 0.52
N CYS A 102 6.61 3.07 1.20
CA CYS A 102 7.96 2.53 1.37
C CYS A 102 7.97 1.17 0.69
N LEU A 103 9.15 0.59 0.51
CA LEU A 103 9.26 -0.72 -0.14
C LEU A 103 10.14 -1.68 0.61
N GLY A 104 9.75 -2.94 0.57
CA GLY A 104 10.52 -3.98 1.24
C GLY A 104 10.58 -5.27 0.45
N LEU A 105 11.65 -6.02 0.65
CA LEU A 105 11.87 -7.30 0.01
C LEU A 105 11.20 -8.33 0.92
N GLU A 106 10.63 -9.39 0.35
CA GLU A 106 9.96 -10.43 1.16
C GLU A 106 10.24 -11.85 0.68
N LYS A 107 10.26 -12.78 1.63
CA LYS A 107 10.53 -14.19 1.38
C LYS A 107 9.68 -14.85 0.30
N GLU A 108 8.36 -14.65 0.36
CA GLU A 108 7.47 -15.25 -0.63
C GLU A 108 7.85 -14.98 -2.08
N THR A 109 8.47 -13.82 -2.33
CA THR A 109 8.87 -13.47 -3.68
C THR A 109 10.39 -13.53 -3.85
N GLY A 110 11.03 -14.39 -3.06
CA GLY A 110 12.49 -14.57 -3.12
C GLY A 110 13.36 -13.36 -2.82
N PHE A 111 12.78 -12.35 -2.17
CA PHE A 111 13.49 -11.13 -1.82
C PHE A 111 13.93 -10.35 -3.07
N ARG A 112 13.24 -10.57 -4.17
CA ARG A 112 13.56 -9.89 -5.43
C ARG A 112 12.43 -9.01 -5.97
N LYS A 113 11.36 -8.85 -5.20
CA LYS A 113 10.23 -8.01 -5.64
C LYS A 113 10.02 -6.93 -4.60
N TRP A 114 9.76 -5.71 -5.06
CA TRP A 114 9.56 -4.59 -4.15
C TRP A 114 8.09 -4.50 -3.75
N VAL A 115 7.82 -4.75 -2.47
CA VAL A 115 6.45 -4.71 -1.95
C VAL A 115 6.14 -3.38 -1.27
N ASN A 116 5.05 -2.74 -1.67
CA ASN A 116 4.61 -1.47 -1.08
C ASN A 116 4.18 -1.72 0.37
N ILE A 117 4.84 -1.06 1.32
CA ILE A 117 4.49 -1.24 2.73
C ILE A 117 4.56 0.04 3.53
N TYR A 118 3.91 0.04 4.69
CA TYR A 118 3.87 1.20 5.59
C TYR A 118 5.28 1.49 6.14
N CYS A 119 5.72 2.73 5.99
CA CYS A 119 7.05 3.14 6.44
C CYS A 119 7.29 3.05 7.95
N GLY A 120 6.20 3.01 8.72
CA GLY A 120 6.32 2.94 10.17
C GLY A 120 6.50 1.52 10.68
N GLN A 121 6.55 0.56 9.75
CA GLN A 121 6.74 -0.83 10.13
C GLN A 121 8.16 -0.97 10.70
N GLN A 122 8.40 -2.01 11.50
CA GLN A 122 9.72 -2.22 12.08
C GLN A 122 10.28 -3.52 11.49
N ASN A 123 11.20 -3.36 10.55
CA ASN A 123 11.80 -4.49 9.86
C ASN A 123 13.31 -4.45 9.77
N PRO A 124 13.93 -5.59 9.42
CA PRO A 124 15.38 -5.66 9.28
C PRO A 124 15.72 -4.96 7.96
N PHE A 125 16.99 -4.86 7.61
CA PHE A 125 17.36 -4.15 6.39
C PHE A 125 18.76 -4.48 5.90
N VAL A 126 19.16 -3.79 4.83
CA VAL A 126 20.47 -3.97 4.23
C VAL A 126 21.02 -2.58 3.91
N CYS A 127 22.24 -2.31 4.37
CA CYS A 127 22.88 -1.02 4.11
C CYS A 127 23.83 -1.15 2.93
N GLU A 128 24.08 -0.04 2.25
CA GLU A 128 24.99 -0.03 1.12
C GLU A 128 25.89 1.20 1.16
N ALA A 129 27.15 1.01 0.80
CA ALA A 129 28.12 2.09 0.75
C ALA A 129 28.98 1.84 -0.48
N ASP B 1 -35.63 12.47 -6.78
CA ASP B 1 -35.89 11.11 -6.24
C ASP B 1 -35.09 10.09 -7.07
N CYS B 2 -33.94 9.70 -6.54
CA CYS B 2 -33.04 8.75 -7.22
C CYS B 2 -33.75 7.48 -7.68
N PRO B 3 -33.18 6.79 -8.67
CA PRO B 3 -33.81 5.57 -9.17
C PRO B 3 -34.21 4.68 -7.99
N SER B 4 -35.24 3.86 -8.17
CA SER B 4 -35.74 3.00 -7.10
C SER B 4 -34.65 2.17 -6.41
N ASP B 5 -33.60 1.84 -7.15
CA ASP B 5 -32.52 1.03 -6.61
C ASP B 5 -31.39 1.83 -5.96
N TRP B 6 -31.53 3.15 -5.91
CA TRP B 6 -30.50 4.01 -5.32
C TRP B 6 -30.94 4.66 -4.02
N SER B 7 -30.04 5.48 -3.45
CA SER B 7 -30.30 6.18 -2.20
C SER B 7 -29.86 7.63 -2.38
N SER B 8 -30.68 8.55 -1.87
CA SER B 8 -30.37 9.98 -2.02
C SER B 8 -29.73 10.62 -0.79
N TYR B 9 -28.88 11.61 -1.05
CA TYR B 9 -28.16 12.38 -0.03
C TYR B 9 -27.52 13.62 -0.65
N GLU B 10 -27.94 14.78 -0.16
CA GLU B 10 -27.40 16.07 -0.63
C GLU B 10 -27.42 16.28 -2.15
N GLY B 11 -28.55 15.97 -2.78
CA GLY B 11 -28.66 16.16 -4.22
C GLY B 11 -27.90 15.16 -5.07
N HIS B 12 -27.39 14.10 -4.43
CA HIS B 12 -26.66 13.06 -5.14
C HIS B 12 -27.31 11.71 -4.93
N CYS B 13 -27.01 10.79 -5.84
CA CYS B 13 -27.56 9.45 -5.77
C CYS B 13 -26.43 8.44 -5.62
N TYR B 14 -26.61 7.49 -4.70
CA TYR B 14 -25.61 6.46 -4.41
C TYR B 14 -26.22 5.07 -4.42
N LYS B 15 -25.42 4.07 -4.83
CA LYS B 15 -25.85 2.68 -4.82
C LYS B 15 -24.68 1.71 -4.77
N PRO B 16 -24.71 0.79 -3.79
CA PRO B 16 -23.67 -0.22 -3.59
C PRO B 16 -23.98 -1.49 -4.39
N PHE B 17 -22.97 -2.05 -5.04
CA PHE B 17 -23.15 -3.27 -5.82
C PHE B 17 -22.42 -4.47 -5.23
N SER B 18 -22.99 -5.65 -5.41
CA SER B 18 -22.38 -6.87 -4.89
C SER B 18 -21.49 -7.60 -5.88
N GLU B 19 -21.57 -7.24 -7.17
CA GLU B 19 -20.72 -7.90 -8.16
C GLU B 19 -19.27 -7.49 -8.00
N PRO B 20 -18.38 -8.46 -7.71
CA PRO B 20 -16.95 -8.20 -7.53
C PRO B 20 -16.23 -7.80 -8.80
N LYS B 21 -15.49 -6.69 -8.76
CA LYS B 21 -14.74 -6.22 -9.92
C LYS B 21 -13.46 -5.52 -9.49
N ASN B 22 -12.47 -5.46 -10.38
CA ASN B 22 -11.24 -4.75 -10.05
C ASN B 22 -11.58 -3.27 -10.17
N TRP B 23 -10.66 -2.40 -9.79
CA TRP B 23 -10.95 -0.96 -9.82
C TRP B 23 -11.46 -0.40 -11.14
N ALA B 24 -10.67 -0.54 -12.19
CA ALA B 24 -11.02 -0.01 -13.50
C ALA B 24 -12.41 -0.47 -13.99
N ASP B 25 -12.67 -1.77 -13.87
CA ASP B 25 -13.96 -2.32 -14.30
C ASP B 25 -15.11 -1.73 -13.51
N ALA B 26 -14.89 -1.55 -12.21
CA ALA B 26 -15.90 -0.97 -11.34
C ALA B 26 -16.25 0.45 -11.77
N GLU B 27 -15.22 1.27 -11.99
CA GLU B 27 -15.41 2.66 -12.40
C GLU B 27 -16.15 2.73 -13.74
N ASN B 28 -15.75 1.89 -14.69
CA ASN B 28 -16.39 1.90 -16.01
C ASN B 28 -17.85 1.43 -15.92
N PHE B 29 -18.09 0.46 -15.04
CA PHE B 29 -19.43 -0.08 -14.84
C PHE B 29 -20.35 1.00 -14.27
N CYS B 30 -19.79 1.83 -13.39
CA CYS B 30 -20.55 2.92 -12.78
C CYS B 30 -20.97 3.96 -13.81
N THR B 31 -20.11 4.23 -14.78
CA THR B 31 -20.45 5.21 -15.81
C THR B 31 -21.56 4.68 -16.70
N GLN B 32 -21.88 3.38 -16.55
CA GLN B 32 -22.91 2.75 -17.35
C GLN B 32 -24.21 2.48 -16.60
N GLN B 33 -24.26 2.83 -15.32
CA GLN B 33 -25.48 2.57 -14.55
C GLN B 33 -26.44 3.75 -14.51
N HIS B 34 -25.96 4.90 -14.99
CA HIS B 34 -26.74 6.13 -15.06
C HIS B 34 -25.81 7.24 -15.54
N ALA B 35 -26.37 8.26 -16.19
CA ALA B 35 -25.57 9.37 -16.70
C ALA B 35 -24.76 10.03 -15.58
N GLY B 36 -23.53 10.43 -15.91
CA GLY B 36 -22.66 11.08 -14.94
C GLY B 36 -22.24 10.20 -13.77
N GLY B 37 -22.43 8.90 -13.90
CA GLY B 37 -22.07 7.99 -12.82
C GLY B 37 -20.58 7.67 -12.77
N HIS B 38 -20.08 7.43 -11.55
CA HIS B 38 -18.68 7.09 -11.31
C HIS B 38 -18.58 6.35 -9.99
N LEU B 39 -17.38 5.91 -9.64
CA LEU B 39 -17.17 5.25 -8.37
C LEU B 39 -17.37 6.36 -7.34
N VAL B 40 -17.87 6.00 -6.16
CA VAL B 40 -18.15 6.98 -5.12
C VAL B 40 -16.93 7.81 -4.71
N SER B 41 -17.14 9.13 -4.56
CA SER B 41 -16.09 10.06 -4.16
C SER B 41 -16.47 10.72 -2.83
N PHE B 42 -15.53 10.76 -1.89
CA PHE B 42 -15.81 11.37 -0.59
C PHE B 42 -15.19 12.76 -0.51
N GLN B 43 -16.00 13.79 -0.77
CA GLN B 43 -15.52 15.16 -0.72
C GLN B 43 -15.66 15.73 0.69
N SER B 44 -16.37 15.02 1.56
CA SER B 44 -16.55 15.44 2.94
C SER B 44 -16.80 14.24 3.84
N SER B 45 -16.57 14.42 5.14
CA SER B 45 -16.78 13.37 6.12
C SER B 45 -18.26 13.00 6.25
N GLU B 46 -19.13 13.98 5.98
CA GLU B 46 -20.58 13.74 6.07
C GLU B 46 -21.01 12.77 4.96
N GLU B 47 -20.51 13.02 3.75
CA GLU B 47 -20.85 12.17 2.61
C GLU B 47 -20.38 10.74 2.88
N ALA B 48 -19.14 10.63 3.36
CA ALA B 48 -18.57 9.32 3.67
C ALA B 48 -19.41 8.63 4.73
N ASP B 49 -19.87 9.39 5.72
CA ASP B 49 -20.69 8.80 6.77
C ASP B 49 -21.95 8.18 6.18
N PHE B 50 -22.56 8.89 5.23
CA PHE B 50 -23.76 8.39 4.58
C PHE B 50 -23.47 7.09 3.84
N VAL B 51 -22.50 7.14 2.92
CA VAL B 51 -22.12 5.97 2.12
C VAL B 51 -21.73 4.73 2.93
N VAL B 52 -20.88 4.90 3.93
CA VAL B 52 -20.46 3.76 4.74
C VAL B 52 -21.67 3.05 5.33
N LYS B 53 -22.60 3.83 5.88
CA LYS B 53 -23.83 3.29 6.47
C LYS B 53 -24.67 2.60 5.40
N LEU B 54 -24.93 3.30 4.30
CA LEU B 54 -25.72 2.73 3.23
C LEU B 54 -25.12 1.37 2.84
N ALA B 55 -23.80 1.35 2.64
CA ALA B 55 -23.09 0.13 2.27
C ALA B 55 -23.23 -0.99 3.29
N PHE B 56 -23.03 -0.66 4.57
CA PHE B 56 -23.12 -1.67 5.61
C PHE B 56 -24.53 -2.19 5.84
N GLN B 57 -25.51 -1.31 5.71
CA GLN B 57 -26.90 -1.71 5.90
C GLN B 57 -27.31 -2.68 4.80
N THR B 58 -26.83 -2.42 3.59
CA THR B 58 -27.15 -3.25 2.44
C THR B 58 -26.44 -4.60 2.40
N PHE B 59 -25.11 -4.57 2.45
CA PHE B 59 -24.33 -5.81 2.38
C PHE B 59 -23.54 -6.16 3.63
N GLY B 60 -23.65 -5.34 4.66
CA GLY B 60 -22.92 -5.61 5.88
C GLY B 60 -21.43 -5.39 5.69
N HIS B 61 -20.62 -6.15 6.43
CA HIS B 61 -19.18 -6.04 6.39
C HIS B 61 -18.55 -6.53 5.09
N SER B 62 -17.93 -5.60 4.36
CA SER B 62 -17.26 -5.90 3.10
C SER B 62 -16.33 -4.74 2.76
N ILE B 63 -15.75 -4.76 1.57
CA ILE B 63 -14.83 -3.69 1.15
C ILE B 63 -15.31 -3.11 -0.19
N PHE B 64 -15.34 -1.78 -0.29
CA PHE B 64 -15.85 -1.12 -1.49
C PHE B 64 -14.93 -0.07 -2.12
N TRP B 65 -14.70 -0.21 -3.42
CA TRP B 65 -13.87 0.73 -4.17
C TRP B 65 -14.39 2.16 -4.12
N MET B 66 -13.44 3.10 -4.07
CA MET B 66 -13.74 4.53 -4.06
C MET B 66 -13.12 5.06 -5.35
N GLY B 67 -13.55 6.24 -5.79
CA GLY B 67 -13.06 6.80 -7.04
C GLY B 67 -11.62 7.28 -7.19
N LEU B 68 -10.68 6.65 -6.49
CA LEU B 68 -9.27 7.04 -6.59
C LEU B 68 -8.41 5.89 -7.10
N SER B 69 -7.59 6.15 -8.12
CA SER B 69 -6.74 5.10 -8.68
C SER B 69 -5.29 5.55 -8.93
N ASN B 70 -4.39 4.58 -9.02
CA ASN B 70 -2.97 4.87 -9.26
C ASN B 70 -2.52 5.99 -8.32
N VAL B 71 -2.82 5.83 -7.04
CA VAL B 71 -2.49 6.85 -6.06
C VAL B 71 -1.01 7.19 -5.83
N TRP B 72 -0.09 6.26 -6.08
CA TRP B 72 1.32 6.58 -5.86
C TRP B 72 2.19 6.48 -7.11
N ASN B 73 1.59 6.14 -8.25
CA ASN B 73 2.35 5.98 -9.49
C ASN B 73 3.13 7.19 -9.93
N GLN B 74 2.60 8.38 -9.68
CA GLN B 74 3.31 9.58 -10.10
C GLN B 74 3.90 10.37 -8.93
N CYS B 75 4.16 9.68 -7.83
CA CYS B 75 4.78 10.31 -6.67
C CYS B 75 6.28 10.45 -6.96
N ASN B 76 6.97 11.23 -6.14
CA ASN B 76 8.41 11.41 -6.34
C ASN B 76 9.21 10.30 -5.67
N TRP B 77 9.20 9.12 -6.28
CA TRP B 77 9.95 7.97 -5.75
C TRP B 77 11.44 8.22 -5.98
N GLN B 78 12.24 8.13 -4.93
CA GLN B 78 13.68 8.34 -5.07
C GLN B 78 14.49 7.45 -4.15
N TRP B 79 15.68 7.06 -4.59
CA TRP B 79 16.56 6.25 -3.77
C TRP B 79 17.18 7.21 -2.75
N SER B 80 17.37 6.73 -1.52
CA SER B 80 17.95 7.57 -0.48
C SER B 80 19.39 7.97 -0.80
N ASN B 81 20.08 7.16 -1.59
CA ASN B 81 21.47 7.47 -1.95
C ASN B 81 21.49 8.37 -3.20
N ALA B 82 20.31 8.77 -3.65
CA ALA B 82 20.13 9.64 -4.82
C ALA B 82 20.48 9.00 -6.16
N ALA B 83 20.55 7.67 -6.20
CA ALA B 83 20.83 7.01 -7.47
C ALA B 83 19.58 7.22 -8.34
N MET B 84 19.76 7.31 -9.65
CA MET B 84 18.62 7.51 -10.54
C MET B 84 17.72 6.28 -10.56
N LEU B 85 16.41 6.51 -10.67
CA LEU B 85 15.46 5.40 -10.71
C LEU B 85 15.25 4.95 -12.15
N ARG B 86 15.83 3.80 -12.47
CA ARG B 86 15.71 3.21 -13.80
C ARG B 86 15.25 1.76 -13.67
N TYR B 87 16.12 0.90 -13.15
CA TYR B 87 15.75 -0.50 -12.95
C TYR B 87 14.56 -0.51 -12.00
N LYS B 88 13.60 -1.40 -12.23
CA LYS B 88 12.42 -1.49 -11.38
C LYS B 88 12.00 -2.94 -11.13
N ALA B 89 11.45 -3.21 -9.96
CA ALA B 89 10.99 -4.56 -9.61
C ALA B 89 9.75 -4.54 -8.71
N TRP B 90 8.78 -3.72 -9.10
CA TRP B 90 7.52 -3.59 -8.35
C TRP B 90 6.76 -4.90 -8.25
N ALA B 91 6.30 -5.24 -7.05
CA ALA B 91 5.50 -6.44 -6.86
C ALA B 91 4.11 -6.18 -7.45
N GLU B 92 3.65 -4.94 -7.34
CA GLU B 92 2.33 -4.53 -7.86
C GLU B 92 2.53 -3.22 -8.63
N GLU B 93 1.79 -3.07 -9.72
CA GLU B 93 1.91 -1.88 -10.55
C GLU B 93 1.19 -0.65 -10.01
N SER B 94 0.07 -0.84 -9.35
CA SER B 94 -0.68 0.31 -8.85
C SER B 94 -1.67 -0.02 -7.74
N TYR B 95 -1.94 0.97 -6.91
CA TYR B 95 -2.87 0.82 -5.80
C TYR B 95 -4.06 1.76 -5.94
N CYS B 96 -5.21 1.29 -5.50
CA CYS B 96 -6.45 2.05 -5.58
C CYS B 96 -7.06 2.19 -4.18
N VAL B 97 -7.94 3.16 -3.99
CA VAL B 97 -8.54 3.39 -2.68
C VAL B 97 -9.92 2.73 -2.50
N TYR B 98 -10.16 2.24 -1.29
CA TYR B 98 -11.44 1.60 -0.96
C TYR B 98 -11.74 1.84 0.52
N PHE B 99 -12.93 1.43 0.97
CA PHE B 99 -13.27 1.54 2.38
C PHE B 99 -13.89 0.24 2.88
N LYS B 100 -13.68 -0.05 4.17
CA LYS B 100 -14.25 -1.23 4.79
C LYS B 100 -15.56 -0.71 5.37
N SER B 101 -16.66 -1.44 5.15
CA SER B 101 -17.98 -1.02 5.60
C SER B 101 -18.22 -0.72 7.08
N THR B 102 -17.20 -0.88 7.92
CA THR B 102 -17.37 -0.61 9.35
C THR B 102 -17.01 0.82 9.75
N ASN B 103 -16.29 1.54 8.89
CA ASN B 103 -15.92 2.93 9.19
C ASN B 103 -15.47 3.69 7.94
N ASN B 104 -15.37 5.01 8.06
CA ASN B 104 -15.00 5.85 6.92
C ASN B 104 -13.49 6.05 6.70
N LYS B 105 -12.66 5.16 7.21
CA LYS B 105 -11.22 5.29 6.99
C LYS B 105 -10.86 4.90 5.56
N TRP B 106 -9.90 5.61 4.96
CA TRP B 106 -9.45 5.31 3.60
C TRP B 106 -8.38 4.22 3.63
N ARG B 107 -8.51 3.25 2.73
CA ARG B 107 -7.57 2.14 2.67
C ARG B 107 -7.08 1.90 1.25
N SER B 108 -5.94 1.22 1.12
CA SER B 108 -5.36 0.94 -0.20
C SER B 108 -5.36 -0.55 -0.54
N ARG B 109 -5.57 -0.85 -1.82
CA ARG B 109 -5.61 -2.23 -2.31
C ARG B 109 -5.10 -2.22 -3.75
N ALA B 110 -4.38 -3.27 -4.15
CA ALA B 110 -3.88 -3.34 -5.51
C ALA B 110 -5.07 -3.21 -6.46
N CYS B 111 -4.96 -2.28 -7.43
CA CYS B 111 -6.04 -2.03 -8.37
C CYS B 111 -6.50 -3.25 -9.18
N ARG B 112 -5.62 -4.23 -9.35
CA ARG B 112 -5.97 -5.43 -10.12
C ARG B 112 -6.84 -6.40 -9.33
N MET B 113 -6.89 -6.21 -8.02
CA MET B 113 -7.67 -7.09 -7.16
C MET B 113 -9.15 -6.77 -7.13
N MET B 114 -9.95 -7.67 -6.57
CA MET B 114 -11.39 -7.45 -6.56
C MET B 114 -11.95 -6.85 -5.28
N ALA B 115 -13.13 -6.28 -5.42
CA ALA B 115 -13.84 -5.66 -4.30
C ALA B 115 -15.24 -5.28 -4.78
N GLN B 116 -16.12 -4.98 -3.84
CA GLN B 116 -17.46 -4.54 -4.19
C GLN B 116 -17.28 -3.05 -4.42
N PHE B 117 -18.37 -2.29 -4.55
CA PHE B 117 -18.21 -0.87 -4.81
C PHE B 117 -19.52 -0.09 -4.72
N VAL B 118 -19.39 1.24 -4.77
CA VAL B 118 -20.54 2.12 -4.70
C VAL B 118 -20.46 3.14 -5.84
N CYS B 119 -21.53 3.29 -6.60
CA CYS B 119 -21.53 4.27 -7.69
C CYS B 119 -22.22 5.53 -7.18
N GLU B 120 -21.99 6.63 -7.88
CA GLU B 120 -22.56 7.92 -7.51
C GLU B 120 -22.66 8.84 -8.72
N PHE B 121 -23.65 9.73 -8.70
CA PHE B 121 -23.83 10.72 -9.76
C PHE B 121 -24.62 11.91 -9.21
N GLN B 122 -24.42 13.08 -9.80
CA GLN B 122 -25.11 14.29 -9.36
C GLN B 122 -26.48 14.37 -10.03
N ALA B 123 -27.54 14.41 -9.22
CA ALA B 123 -28.90 14.48 -9.75
C ALA B 123 -29.13 15.80 -10.50
N TYR C 1 -2.82 -14.79 5.76
CA TYR C 1 -2.51 -15.23 4.38
C TYR C 1 -3.64 -14.84 3.42
N ASN C 2 -3.28 -14.16 2.33
CA ASN C 2 -4.27 -13.75 1.34
C ASN C 2 -4.19 -14.67 0.12
N SER C 3 -5.27 -15.42 -0.13
CA SER C 3 -5.32 -16.32 -1.26
C SER C 3 -5.49 -15.52 -2.56
N GLY C 4 -5.96 -14.29 -2.42
CA GLY C 4 -6.14 -13.42 -3.57
C GLY C 4 -7.48 -13.59 -4.28
N LYS C 5 -8.52 -13.94 -3.52
CA LYS C 5 -9.84 -14.13 -4.10
C LYS C 5 -10.82 -13.10 -3.56
N LEU C 6 -11.68 -13.52 -2.64
CA LEU C 6 -12.66 -12.62 -2.06
C LEU C 6 -12.58 -12.67 -0.54
N PHE C 9 -12.97 -9.79 2.02
CA PHE C 9 -14.31 -9.24 2.12
C PHE C 9 -14.78 -9.53 3.54
N VAL C 10 -14.24 -10.60 4.13
CA VAL C 10 -14.63 -11.02 5.48
C VAL C 10 -13.83 -10.34 6.59
N ARG C 11 -14.47 -10.16 7.73
CA ARG C 11 -13.82 -9.53 8.88
C ARG C 11 -12.56 -10.27 9.25
N GLY C 12 -11.51 -9.52 9.54
CA GLY C 12 -10.26 -10.13 9.93
C GLY C 12 -10.45 -11.00 11.16
N ASN C 13 -9.51 -11.92 11.38
CA ASN C 13 -9.54 -12.82 12.52
C ASN C 13 -8.16 -13.43 12.70
N LEU C 14 -7.54 -13.15 13.85
CA LEU C 14 -6.21 -13.65 14.15
C LEU C 14 -6.04 -15.15 13.99
N ARG C 16 -7.98 -17.43 12.14
CA ARG C 16 -8.09 -17.85 10.75
C ARG C 16 -6.94 -17.34 9.87
N CYS C 18 -3.94 -15.48 11.05
CA CYS C 18 -2.60 -15.49 11.62
C CYS C 18 -2.16 -16.78 12.31
N LYS C 19 -3.11 -17.59 12.77
CA LYS C 19 -2.75 -18.83 13.46
C LYS C 19 -2.89 -20.05 12.54
N LYS C 22 -0.34 -18.17 7.77
CA LYS C 22 0.74 -17.25 8.09
C LYS C 22 0.20 -15.89 7.66
N CYS C 23 0.35 -14.86 8.49
CA CYS C 23 -0.16 -13.53 8.14
C CYS C 23 0.89 -12.44 8.09
N SER C 24 0.57 -11.37 7.38
CA SER C 24 1.46 -10.22 7.24
C SER C 24 1.11 -9.17 8.29
N PHE C 25 2.00 -8.20 8.46
CA PHE C 25 1.80 -7.10 9.40
C PHE C 25 0.40 -6.48 9.23
N ALA C 28 -2.78 -8.43 10.29
CA ALA C 28 -2.96 -8.39 11.74
C ALA C 28 -3.51 -7.02 12.11
N ARG C 29 -2.97 -5.98 11.49
CA ARG C 29 -3.42 -4.63 11.77
C ARG C 29 -4.91 -4.47 11.42
N VAL C 31 -7.15 -6.47 11.96
CA VAL C 31 -7.94 -7.00 13.06
C VAL C 31 -7.91 -6.01 14.23
N PHE C 32 -6.70 -5.58 14.61
CA PHE C 32 -6.55 -4.63 15.73
C PHE C 32 -6.95 -3.19 15.40
N ASN C 34 -5.15 -0.84 15.12
CA ASN C 34 -4.32 -0.09 16.06
C ASN C 34 -2.89 -0.50 15.74
N THR C 35 -2.04 0.48 15.44
CA THR C 35 -0.66 0.18 15.08
C THR C 35 0.22 -0.42 16.19
N LYS C 37 -0.51 -2.22 18.70
CA LYS C 37 -0.91 -3.60 18.95
C LYS C 37 -0.29 -4.55 17.93
N THR C 38 -0.30 -4.11 16.67
CA THR C 38 0.26 -4.91 15.59
C THR C 38 1.77 -5.07 15.74
N THR C 39 2.47 -3.95 15.92
CA THR C 39 3.92 -3.96 16.08
C THR C 39 4.26 -4.92 17.21
N PHE C 41 2.30 -7.35 18.50
CA PHE C 41 1.95 -8.69 18.06
C PHE C 41 3.07 -9.23 17.18
N TRP C 42 3.71 -8.34 16.44
CA TRP C 42 4.78 -8.72 15.55
C TRP C 42 6.04 -9.19 16.26
N LYS C 43 6.39 -8.53 17.36
CA LYS C 43 7.58 -8.90 18.11
C LYS C 43 7.50 -10.34 18.58
N GLN C 44 6.36 -10.69 19.16
CA GLN C 44 6.12 -12.02 19.68
C GLN C 44 5.70 -13.00 18.59
N TYR C 45 5.51 -12.49 17.37
CA TYR C 45 5.11 -13.34 16.25
C TYR C 45 6.34 -13.76 15.47
N VAL C 46 7.29 -12.84 15.34
CA VAL C 46 8.53 -13.08 14.62
C VAL C 46 9.50 -11.92 14.88
#